data_4BV4
#
_entry.id   4BV4
#
_cell.length_a   198.310
_cell.length_b   57.110
_cell.length_c   70.500
_cell.angle_alpha   90.00
_cell.angle_beta   97.76
_cell.angle_gamma   90.00
#
_symmetry.space_group_name_H-M   'C 1 2 1'
#
loop_
_entity.id
_entity.type
_entity.pdbx_description
1 polymer 'PROTEIN SPAETZLE C-106'
2 polymer 'PROTEIN TOLL, VARIABLE LYMPHOCYTE RECEPTOR B CHIMERA'
3 branched alpha-D-mannopyranose-(1-2)-alpha-D-mannopyranose-(1-3)-[alpha-D-mannopyranose-(1-3)-[beta-D-mannopyranose-(1-6)]beta-D-mannopyranose-(1-6)]beta-D-mannopyranose-(1-4)-2-acetamido-2-deoxy-beta-D-glucopyranose-(1-4)-2-acetamido-2-deoxy-beta-D-glucopyranose
4 non-polymer 2-acetamido-2-deoxy-beta-D-glucopyranose
5 water water
#
loop_
_entity_poly.entity_id
_entity_poly.type
_entity_poly.pdbx_seq_one_letter_code
_entity_poly.pdbx_strand_id
1 'polypeptide(L)'
;GVGGSDERFLCRSIRKLVYPKKGLRADDTWQLIVNNDEYKQAIQIEECEGADQPCDFAANFPQSYNPICKQHYTQQTLAS
IKSDGELDVVQNSFKIPSCCKCALKTG
;
L,M
2 'polypeptide(L)'
;SFGRDACSEMSIDGLCQCAPIMSEYEIICPANAENPTFRLTIQPKDYVQIMCNLTDTTDYQQLPKKLRIGEVDRVQMRRC
MLPGHTPIASILDYLGIVSPTTLIFESDNLGMNITRQHLDRLHGLKRFRFTTRRLTHIPANLLTDMRNLSHLELRANIEE
MPSHLFDDLENLESIEFGSNKLRQMPRGIFGKMPKLKQLNLWSNQLHNLTKHDFEGATSVLGIDIHDNGIEQLPHDVFAH
LTNVTDINLSANLFRSLPQGLFDHNKHLNEVRLMNNRVPLATLPSRLFANQPELQILRLRAELQSLPGDLFEHSTQITNI
SLGDNLLKTLPATLLEHQVNLLSLDLSNNRLTHLPDSLFAHTTNLTDLRLASNQLKSVPDGIFDRLTSLQKIWLHTNPWD
CSCPRIDYLSRWLNKNSQKEQGSAKCSGSGKPVRSIICPTTGENLY
;
R
#
# COMPACT_ATOMS: atom_id res chain seq x y z
N ARG A 8 15.89 -2.24 -7.24
CA ARG A 8 15.17 -1.02 -6.85
C ARG A 8 14.30 -1.25 -5.60
N PHE A 9 14.39 -0.30 -4.65
CA PHE A 9 13.64 -0.31 -3.41
C PHE A 9 12.69 0.89 -3.39
N LEU A 10 11.65 0.80 -2.56
CA LEU A 10 10.58 1.79 -2.43
C LEU A 10 11.01 3.02 -1.66
N CYS A 11 12.09 2.89 -0.88
CA CYS A 11 12.65 3.96 -0.07
C CYS A 11 14.10 4.22 -0.42
N ARG A 12 14.37 5.50 -0.70
CA ARG A 12 15.70 6.00 -1.01
C ARG A 12 16.54 5.94 0.28
N SER A 13 17.66 5.23 0.20
CA SER A 13 18.54 5.04 1.33
C SER A 13 20.01 5.29 0.98
N ILE A 14 20.84 5.46 2.01
CA ILE A 14 22.27 5.67 1.86
C ILE A 14 23.06 4.78 2.87
N ARG A 15 24.14 4.16 2.38
CA ARG A 15 25.00 3.34 3.22
C ARG A 15 26.03 4.24 3.86
N LYS A 16 26.07 4.23 5.20
CA LYS A 16 26.98 5.01 6.01
C LYS A 16 27.44 4.19 7.23
N LEU A 17 28.53 4.66 7.84
CA LEU A 17 29.15 4.07 9.01
C LEU A 17 28.70 4.80 10.27
N VAL A 18 28.30 4.05 11.30
CA VAL A 18 27.90 4.62 12.59
C VAL A 18 28.87 4.12 13.67
N TYR A 19 29.12 4.93 14.70
CA TYR A 19 30.11 4.59 15.71
C TYR A 19 29.53 4.56 17.13
N PRO A 20 29.26 3.35 17.68
CA PRO A 20 28.81 3.25 19.07
C PRO A 20 29.98 3.58 20.00
N LYS A 21 29.76 4.46 20.99
CA LYS A 21 30.78 4.92 21.93
C LYS A 21 30.44 4.51 23.35
N GLN A 41 33.80 0.23 17.98
CA GLN A 41 34.16 -0.09 16.59
C GLN A 41 32.97 0.20 15.63
N ALA A 42 33.29 0.58 14.37
CA ALA A 42 32.41 0.97 13.26
C ALA A 42 31.44 -0.11 12.78
N ILE A 43 30.23 0.31 12.29
CA ILE A 43 29.17 -0.57 11.77
C ILE A 43 28.55 0.05 10.49
N GLN A 44 28.63 -0.67 9.33
CA GLN A 44 28.02 -0.17 8.08
C GLN A 44 26.52 -0.43 8.11
N ILE A 45 25.76 0.66 7.96
CA ILE A 45 24.33 0.76 8.13
C ILE A 45 23.63 1.32 6.89
N GLU A 46 22.30 1.27 6.91
CA GLU A 46 21.44 1.84 5.87
C GLU A 46 20.52 2.88 6.52
N GLU A 47 20.64 4.12 6.07
CA GLU A 47 19.86 5.24 6.58
C GLU A 47 18.93 5.79 5.51
N CYS A 48 17.75 6.26 5.91
CA CYS A 48 16.78 6.87 4.99
C CYS A 48 17.33 8.15 4.42
N GLU A 49 17.14 8.36 3.12
CA GLU A 49 17.48 9.63 2.50
C GLU A 49 16.34 10.59 2.89
N GLY A 50 15.12 10.07 2.92
CA GLY A 50 13.93 10.80 3.30
C GLY A 50 13.00 10.10 4.27
N ALA A 51 13.38 10.03 5.58
CA ALA A 51 12.54 9.41 6.61
C ALA A 51 11.31 10.26 6.87
N ASP A 52 10.15 9.60 7.11
CA ASP A 52 8.82 10.16 7.39
C ASP A 52 8.21 10.80 6.15
N GLN A 53 8.85 10.57 4.99
CA GLN A 53 8.40 11.04 3.69
C GLN A 53 7.71 9.88 2.94
N PRO A 54 6.93 10.12 1.86
CA PRO A 54 6.24 9.00 1.21
C PRO A 54 7.19 8.10 0.42
N CYS A 55 6.85 6.81 0.34
CA CYS A 55 7.60 5.82 -0.45
C CYS A 55 7.45 6.18 -1.93
N ASP A 56 8.39 5.73 -2.75
CA ASP A 56 8.26 5.84 -4.18
C ASP A 56 7.10 4.93 -4.54
N PHE A 57 6.48 5.05 -5.74
CA PHE A 57 5.37 4.20 -6.17
C PHE A 57 4.21 4.23 -5.14
N ALA A 58 3.95 5.41 -4.53
CA ALA A 58 2.97 5.61 -3.46
C ALA A 58 1.53 5.34 -3.90
N ALA A 59 1.25 5.44 -5.20
CA ALA A 59 -0.08 5.20 -5.81
C ALA A 59 -0.26 3.73 -6.18
N ASN A 60 0.80 2.91 -6.07
CA ASN A 60 0.78 1.47 -6.40
C ASN A 60 0.35 0.56 -5.24
N PHE A 61 -0.10 1.14 -4.11
CA PHE A 61 -0.50 0.31 -2.98
C PHE A 61 -2.03 0.18 -2.82
N PRO A 62 -2.56 -0.85 -2.11
CA PRO A 62 -4.03 -0.92 -1.95
C PRO A 62 -4.57 0.26 -1.14
N GLN A 63 -5.84 0.65 -1.40
CA GLN A 63 -6.56 1.73 -0.75
C GLN A 63 -6.56 1.57 0.78
N SER A 64 -6.54 2.70 1.50
CA SER A 64 -6.55 2.87 2.96
C SER A 64 -5.17 2.59 3.62
N TYR A 65 -4.09 2.48 2.80
CA TYR A 65 -2.71 2.30 3.27
C TYR A 65 -1.86 3.53 2.88
N ASN A 66 -1.23 4.19 3.85
CA ASN A 66 -0.41 5.36 3.57
C ASN A 66 1.07 4.94 3.62
N PRO A 67 1.75 4.89 2.45
CA PRO A 67 3.15 4.42 2.41
C PRO A 67 4.14 5.51 2.81
N ILE A 68 4.81 5.30 3.93
CA ILE A 68 5.81 6.22 4.49
C ILE A 68 7.12 5.47 4.75
N CYS A 69 8.25 6.07 4.36
CA CYS A 69 9.59 5.56 4.57
C CYS A 69 9.95 5.69 6.02
N LYS A 70 10.27 4.57 6.64
CA LYS A 70 10.56 4.54 8.06
C LYS A 70 11.92 3.94 8.34
N GLN A 71 12.69 4.61 9.19
CA GLN A 71 14.00 4.17 9.67
C GLN A 71 13.79 3.10 10.75
N HIS A 72 14.36 1.91 10.54
CA HIS A 72 14.26 0.85 11.52
C HIS A 72 15.56 0.76 12.29
N TYR A 73 15.52 0.19 13.50
CA TYR A 73 16.69 0.10 14.35
C TYR A 73 16.81 -1.28 14.92
N THR A 74 18.04 -1.62 15.33
CA THR A 74 18.42 -2.87 15.96
C THR A 74 19.11 -2.47 17.25
N GLN A 75 18.99 -3.28 18.31
CA GLN A 75 19.65 -3.04 19.58
C GLN A 75 20.81 -4.01 19.75
N GLN A 76 21.93 -3.49 20.24
CA GLN A 76 23.13 -4.25 20.54
C GLN A 76 23.55 -3.87 21.96
N THR A 77 23.93 -4.85 22.78
CA THR A 77 24.34 -4.57 24.15
C THR A 77 25.79 -5.00 24.34
N ASN A 92 25.90 -1.80 28.56
CA ASN A 92 25.51 -0.66 27.71
C ASN A 92 24.85 -1.09 26.43
N SER A 93 23.60 -0.65 26.23
CA SER A 93 22.83 -0.90 25.01
C SER A 93 22.98 0.28 24.03
N PHE A 94 22.81 0.00 22.72
CA PHE A 94 22.93 0.97 21.64
C PHE A 94 21.81 0.76 20.64
N LYS A 95 21.07 1.85 20.33
CA LYS A 95 20.00 1.84 19.34
C LYS A 95 20.68 2.16 18.00
N ILE A 96 20.88 1.13 17.16
CA ILE A 96 21.62 1.34 15.91
C ILE A 96 20.67 1.21 14.69
N PRO A 97 20.70 2.19 13.74
CA PRO A 97 19.83 2.07 12.56
C PRO A 97 20.13 0.82 11.75
N SER A 98 19.13 0.22 11.10
CA SER A 98 19.34 -0.98 10.32
C SER A 98 19.06 -0.73 8.85
N CYS A 99 17.80 -0.40 8.52
CA CYS A 99 17.37 -0.22 7.16
C CYS A 99 16.22 0.77 7.09
N CYS A 100 15.91 1.22 5.88
CA CYS A 100 14.80 2.10 5.56
C CYS A 100 13.76 1.23 4.96
N LYS A 101 12.61 1.09 5.61
CA LYS A 101 11.52 0.22 5.15
C LYS A 101 10.30 1.05 4.84
N CYS A 102 9.52 0.63 3.82
CA CYS A 102 8.26 1.29 3.50
C CYS A 102 7.19 0.78 4.43
N ALA A 103 6.64 1.65 5.27
CA ALA A 103 5.60 1.26 6.22
C ALA A 103 4.24 1.68 5.69
N LEU A 104 3.29 0.74 5.67
CA LEU A 104 1.95 0.98 5.20
C LEU A 104 1.09 1.37 6.40
N LYS A 105 0.87 2.67 6.55
CA LYS A 105 0.17 3.24 7.69
C LYS A 105 -1.34 3.18 7.51
N THR A 106 -2.06 2.75 8.56
CA THR A 106 -3.51 2.60 8.56
C THR A 106 -4.10 3.51 9.64
N GLY B 1 10.25 -7.92 14.99
CA GLY B 1 9.36 -7.76 13.86
C GLY B 1 7.89 -7.73 14.23
N VAL B 2 7.54 -7.00 15.32
CA VAL B 2 6.15 -6.86 15.76
C VAL B 2 5.45 -5.74 14.97
N GLY B 3 6.03 -4.52 15.01
CA GLY B 3 5.51 -3.34 14.33
C GLY B 3 4.51 -2.56 15.16
N GLY B 4 4.20 -1.34 14.70
CA GLY B 4 3.24 -0.43 15.32
C GLY B 4 1.82 -0.88 15.11
N SER B 5 0.91 -0.48 16.00
CA SER B 5 -0.51 -0.85 15.97
C SER B 5 -1.27 -0.32 14.73
N ASP B 6 -0.70 0.66 14.00
CA ASP B 6 -1.35 1.19 12.81
C ASP B 6 -0.43 1.13 11.57
N GLU B 7 0.37 0.03 11.44
CA GLU B 7 1.25 -0.11 10.29
C GLU B 7 1.36 -1.57 9.77
N ARG B 8 1.43 -1.71 8.46
CA ARG B 8 1.58 -2.99 7.78
C ARG B 8 2.87 -2.92 6.97
N PHE B 9 3.43 -4.08 6.59
CA PHE B 9 4.69 -4.13 5.86
C PHE B 9 4.62 -5.08 4.68
N LEU B 10 5.41 -4.82 3.64
CA LEU B 10 5.46 -5.63 2.44
C LEU B 10 6.16 -6.95 2.72
N CYS B 11 7.10 -6.95 3.67
CA CYS B 11 7.84 -8.14 4.10
C CYS B 11 7.84 -8.21 5.62
N ARG B 12 7.60 -9.39 6.19
CA ARG B 12 7.62 -9.65 7.63
C ARG B 12 8.90 -10.33 8.03
N SER B 13 9.51 -9.84 9.11
CA SER B 13 10.72 -10.41 9.68
C SER B 13 10.43 -11.06 11.04
N ILE B 14 11.33 -11.94 11.48
CA ILE B 14 11.28 -12.61 12.79
C ILE B 14 12.50 -12.12 13.58
N ARG B 15 12.29 -11.59 14.81
CA ARG B 15 13.36 -11.09 15.65
C ARG B 15 13.97 -12.23 16.46
N LYS B 16 15.31 -12.19 16.65
CA LYS B 16 16.07 -13.18 17.42
CA LYS B 16 16.08 -13.18 17.42
C LYS B 16 17.30 -12.53 18.05
N LEU B 17 17.69 -12.97 19.28
CA LEU B 17 18.90 -12.52 19.98
C LEU B 17 20.00 -13.54 19.80
N VAL B 18 21.19 -13.12 19.35
CA VAL B 18 22.33 -14.02 19.18
C VAL B 18 23.46 -13.53 20.10
N TYR B 19 24.31 -14.46 20.58
CA TYR B 19 25.35 -14.15 21.55
C TYR B 19 26.71 -14.62 21.04
N ALA B 42 24.76 -9.33 23.65
CA ALA B 42 23.59 -9.68 22.86
C ALA B 42 23.41 -8.76 21.68
N ILE B 43 23.14 -9.31 20.49
CA ILE B 43 22.89 -8.49 19.30
C ILE B 43 21.58 -8.98 18.67
N GLN B 44 20.66 -8.03 18.41
CA GLN B 44 19.34 -8.31 17.83
C GLN B 44 19.45 -8.46 16.31
N ILE B 45 18.93 -9.59 15.80
CA ILE B 45 18.93 -9.87 14.36
C ILE B 45 17.46 -9.89 13.86
N GLU B 46 17.25 -9.48 12.59
CA GLU B 46 15.93 -9.51 11.96
C GLU B 46 16.05 -10.31 10.68
N GLU B 47 15.39 -11.48 10.65
CA GLU B 47 15.45 -12.37 9.50
C GLU B 47 14.10 -12.48 8.79
N CYS B 48 14.13 -12.67 7.45
CA CYS B 48 12.95 -12.90 6.61
C CYS B 48 12.26 -14.17 7.07
N GLU B 49 10.92 -14.12 7.21
CA GLU B 49 10.01 -15.24 7.56
C GLU B 49 9.98 -16.17 6.33
N GLY B 50 11.11 -16.85 6.09
CA GLY B 50 11.33 -17.67 4.91
C GLY B 50 11.79 -16.82 3.74
N ALA B 51 12.62 -17.39 2.83
CA ALA B 51 13.14 -16.64 1.66
C ALA B 51 13.23 -17.55 0.41
N ASP B 52 13.04 -17.03 -0.84
CA ASP B 52 12.74 -15.64 -1.24
C ASP B 52 11.29 -15.54 -1.75
N GLN B 53 10.41 -15.08 -0.86
CA GLN B 53 8.96 -14.98 -1.03
C GLN B 53 8.55 -13.67 -1.72
N PRO B 54 7.42 -13.65 -2.46
CA PRO B 54 6.95 -12.36 -2.99
C PRO B 54 6.49 -11.44 -1.87
N CYS B 55 6.62 -10.11 -2.08
CA CYS B 55 6.16 -9.10 -1.12
C CYS B 55 4.63 -9.13 -1.08
N ASP B 56 4.06 -8.63 0.02
CA ASP B 56 2.62 -8.47 0.16
C ASP B 56 2.28 -7.05 -0.31
N PHE B 57 1.00 -6.75 -0.64
CA PHE B 57 0.51 -5.43 -1.12
C PHE B 57 1.29 -4.95 -2.35
N ALA B 58 1.74 -5.91 -3.17
CA ALA B 58 2.56 -5.67 -4.35
C ALA B 58 1.85 -6.12 -5.66
N ALA B 59 0.53 -6.22 -5.65
CA ALA B 59 -0.24 -6.67 -6.83
C ALA B 59 -0.44 -5.59 -7.89
N ASN B 60 -0.14 -4.30 -7.60
CA ASN B 60 -0.34 -3.20 -8.53
C ASN B 60 1.00 -2.53 -8.91
N PHE B 61 1.95 -3.33 -9.37
CA PHE B 61 3.24 -2.85 -9.86
C PHE B 61 3.37 -3.27 -11.32
N PRO B 62 4.23 -2.63 -12.15
CA PRO B 62 4.32 -3.04 -13.57
C PRO B 62 4.81 -4.48 -13.72
N GLN B 63 4.41 -5.15 -14.83
CA GLN B 63 4.74 -6.53 -15.18
C GLN B 63 6.23 -6.81 -15.05
N SER B 64 7.10 -5.88 -15.48
CA SER B 64 8.56 -6.00 -15.44
C SER B 64 9.11 -6.20 -14.03
N TYR B 65 8.40 -5.68 -13.00
CA TYR B 65 8.86 -5.79 -11.62
C TYR B 65 8.40 -7.10 -10.97
N ASN B 66 9.31 -7.73 -10.23
CA ASN B 66 9.05 -8.94 -9.46
C ASN B 66 9.32 -8.60 -8.00
N PRO B 67 8.31 -8.11 -7.24
CA PRO B 67 8.57 -7.74 -5.84
C PRO B 67 8.86 -8.98 -5.01
N ILE B 68 10.10 -9.07 -4.53
CA ILE B 68 10.60 -10.19 -3.76
C ILE B 68 11.20 -9.69 -2.46
N CYS B 69 10.88 -10.36 -1.34
CA CYS B 69 11.42 -10.09 0.00
C CYS B 69 12.86 -10.50 0.06
N LYS B 70 13.72 -9.57 0.37
CA LYS B 70 15.16 -9.79 0.38
C LYS B 70 15.77 -9.48 1.74
N GLN B 71 16.65 -10.37 2.21
CA GLN B 71 17.39 -10.24 3.44
C GLN B 71 18.51 -9.17 3.31
N HIS B 72 18.47 -8.18 4.23
CA HIS B 72 19.40 -7.07 4.41
C HIS B 72 20.40 -7.46 5.49
N TYR B 73 21.62 -6.90 5.40
CA TYR B 73 22.70 -7.14 6.34
C TYR B 73 23.41 -5.85 6.73
N THR B 74 23.89 -5.79 7.98
CA THR B 74 24.71 -4.69 8.49
C THR B 74 26.09 -5.29 8.75
N GLN B 75 27.15 -4.58 8.36
CA GLN B 75 28.52 -5.08 8.55
C GLN B 75 29.17 -4.49 9.78
N GLN B 76 29.78 -5.34 10.60
CA GLN B 76 30.46 -4.94 11.82
C GLN B 76 31.99 -5.03 11.66
N THR B 77 32.70 -3.99 12.17
CA THR B 77 34.17 -3.85 12.15
C THR B 77 34.68 -3.88 13.59
N PHE B 94 32.07 -8.54 9.96
CA PHE B 94 31.14 -9.66 9.71
C PHE B 94 29.69 -9.15 9.49
N LYS B 95 28.87 -9.96 8.77
CA LYS B 95 27.49 -9.63 8.41
C LYS B 95 26.49 -10.07 9.47
N ILE B 96 25.46 -9.22 9.69
CA ILE B 96 24.38 -9.45 10.64
C ILE B 96 23.05 -9.27 9.90
N PRO B 97 22.12 -10.27 9.89
CA PRO B 97 20.81 -10.06 9.23
C PRO B 97 20.02 -9.04 10.04
N SER B 98 19.77 -7.85 9.47
CA SER B 98 19.13 -6.74 10.21
C SER B 98 17.77 -6.30 9.66
N CYS B 99 17.40 -6.75 8.44
CA CYS B 99 16.15 -6.36 7.81
C CYS B 99 15.74 -7.31 6.73
N CYS B 100 14.45 -7.34 6.50
CA CYS B 100 13.83 -7.97 5.37
C CYS B 100 13.17 -6.84 4.59
N LYS B 101 13.58 -6.63 3.35
CA LYS B 101 13.06 -5.53 2.54
C LYS B 101 12.48 -6.01 1.23
N CYS B 102 11.58 -5.20 0.63
CA CYS B 102 10.97 -5.56 -0.65
C CYS B 102 11.83 -5.06 -1.78
N ALA B 103 12.38 -5.98 -2.59
CA ALA B 103 13.20 -5.61 -3.74
C ALA B 103 12.38 -5.75 -5.01
N LEU B 104 12.17 -4.64 -5.73
CA LEU B 104 11.47 -4.66 -7.01
C LEU B 104 12.54 -5.04 -8.01
N LYS B 105 12.61 -6.34 -8.32
CA LYS B 105 13.61 -6.94 -9.22
C LYS B 105 13.16 -6.85 -10.68
N THR B 106 14.03 -6.32 -11.54
CA THR B 106 13.77 -6.12 -12.97
C THR B 106 14.26 -7.32 -13.77
N SER C 1 -0.39 -3.69 34.66
CA SER C 1 0.10 -4.68 35.61
C SER C 1 1.58 -5.04 35.34
N PHE C 2 2.03 -4.91 34.07
CA PHE C 2 3.39 -5.21 33.65
C PHE C 2 4.17 -3.93 33.36
N GLY C 3 5.46 -3.95 33.71
CA GLY C 3 6.36 -2.83 33.48
C GLY C 3 7.81 -3.18 33.75
N ARG C 4 8.59 -2.17 34.19
CA ARG C 4 10.02 -2.28 34.51
C ARG C 4 10.23 -3.24 35.69
N ASP C 5 9.37 -3.15 36.72
CA ASP C 5 9.41 -3.94 37.96
C ASP C 5 9.13 -5.44 37.68
N ALA C 6 8.16 -5.74 36.80
CA ALA C 6 7.76 -7.10 36.41
C ALA C 6 8.84 -7.83 35.60
N CYS C 7 9.66 -7.08 34.84
CA CYS C 7 10.77 -7.59 34.03
C CYS C 7 11.94 -8.05 34.91
N SER C 8 12.21 -7.31 36.01
CA SER C 8 13.29 -7.62 36.94
C SER C 8 13.01 -8.90 37.76
N GLU C 9 11.76 -9.10 38.21
CA GLU C 9 11.31 -10.23 39.03
C GLU C 9 11.46 -11.60 38.33
N MET C 10 11.57 -11.61 36.98
CA MET C 10 11.77 -12.83 36.18
C MET C 10 13.28 -13.14 36.14
N SER C 11 13.89 -13.13 34.93
CA SER C 11 15.32 -13.30 34.61
C SER C 11 16.00 -14.55 35.26
N ILE C 12 16.60 -14.40 36.49
CA ILE C 12 17.40 -15.39 37.24
C ILE C 12 16.70 -16.74 37.53
N ASP C 13 15.35 -16.78 37.60
CA ASP C 13 14.57 -17.99 37.90
C ASP C 13 14.95 -19.19 37.02
N GLY C 14 15.09 -18.95 35.71
CA GLY C 14 15.48 -19.96 34.75
C GLY C 14 14.31 -20.73 34.14
N LEU C 15 13.14 -20.07 34.05
CA LEU C 15 11.91 -20.60 33.47
C LEU C 15 11.68 -19.89 32.13
N CYS C 16 11.55 -18.56 32.19
CA CYS C 16 11.35 -17.66 31.05
C CYS C 16 12.15 -16.38 31.30
N GLN C 17 13.09 -16.06 30.38
CA GLN C 17 13.98 -14.90 30.52
C GLN C 17 13.40 -13.62 29.87
N CYS C 18 13.27 -12.55 30.68
CA CYS C 18 12.74 -11.26 30.22
C CYS C 18 13.88 -10.26 30.05
N ALA C 19 14.17 -9.90 28.79
CA ALA C 19 15.22 -8.97 28.42
C ALA C 19 14.61 -7.73 27.73
N PRO C 20 14.92 -6.50 28.21
CA PRO C 20 14.35 -5.30 27.57
C PRO C 20 15.05 -4.95 26.27
N ILE C 21 14.26 -4.78 25.20
CA ILE C 21 14.78 -4.41 23.88
C ILE C 21 14.07 -3.12 23.47
N MET C 22 14.79 -1.98 23.62
CA MET C 22 14.33 -0.62 23.35
C MET C 22 13.09 -0.33 24.23
N SER C 23 11.93 -0.01 23.63
CA SER C 23 10.69 0.25 24.38
C SER C 23 9.94 -1.06 24.79
N GLU C 24 10.22 -2.19 24.09
CA GLU C 24 9.59 -3.51 24.31
C GLU C 24 10.31 -4.38 25.37
N TYR C 25 9.74 -5.58 25.64
CA TYR C 25 10.25 -6.60 26.55
C TYR C 25 10.15 -7.98 25.87
N GLU C 26 11.29 -8.66 25.67
CA GLU C 26 11.36 -9.97 25.02
C GLU C 26 11.38 -11.09 26.04
N ILE C 27 10.41 -12.05 25.98
CA ILE C 27 10.30 -13.19 26.90
C ILE C 27 10.45 -14.50 26.11
N ILE C 28 11.46 -15.31 26.44
CA ILE C 28 11.78 -16.58 25.77
C ILE C 28 11.40 -17.77 26.67
N CYS C 29 10.53 -18.68 26.18
CA CYS C 29 10.10 -19.88 26.89
C CYS C 29 10.31 -21.13 26.02
N PRO C 30 11.13 -22.13 26.45
CA PRO C 30 11.90 -22.20 27.71
C PRO C 30 13.16 -21.34 27.64
N ALA C 31 13.57 -20.76 28.79
CA ALA C 31 14.75 -19.89 28.91
C ALA C 31 16.02 -20.57 28.40
N ASN C 32 16.75 -19.87 27.49
CA ASN C 32 17.99 -20.28 26.83
C ASN C 32 17.80 -21.56 25.97
N ALA C 33 17.44 -21.36 24.68
CA ALA C 33 17.20 -22.37 23.63
C ALA C 33 17.08 -21.71 22.26
N GLU C 34 17.62 -22.36 21.19
CA GLU C 34 17.51 -21.81 19.82
C GLU C 34 16.27 -22.41 19.10
N ASN C 35 15.33 -22.91 19.92
CA ASN C 35 14.06 -23.53 19.53
C ASN C 35 12.96 -23.16 20.58
N PRO C 36 12.78 -21.88 21.03
CA PRO C 36 11.76 -21.61 22.04
C PRO C 36 10.34 -21.81 21.52
N THR C 37 9.51 -22.46 22.33
CA THR C 37 8.11 -22.71 21.96
C THR C 37 7.31 -21.40 22.04
N PHE C 38 7.71 -20.47 22.91
CA PHE C 38 7.01 -19.19 23.04
C PHE C 38 8.01 -18.03 23.19
N ARG C 39 7.98 -17.12 22.21
CA ARG C 39 8.79 -15.90 22.15
C ARG C 39 7.82 -14.74 22.20
N LEU C 40 7.73 -14.11 23.39
CA LEU C 40 6.80 -13.02 23.62
C LEU C 40 7.48 -11.66 23.54
N THR C 41 6.76 -10.67 23.02
CA THR C 41 7.23 -9.29 22.93
C THR C 41 6.14 -8.41 23.48
N ILE C 42 6.47 -7.62 24.50
CA ILE C 42 5.48 -6.77 25.15
C ILE C 42 5.98 -5.34 25.35
N GLN C 43 5.14 -4.39 24.95
CA GLN C 43 5.26 -2.95 25.11
C GLN C 43 4.05 -2.59 25.97
N PRO C 44 4.25 -2.35 27.30
CA PRO C 44 3.11 -2.14 28.23
C PRO C 44 2.08 -1.11 27.79
N LYS C 45 0.80 -1.43 28.08
CA LYS C 45 -0.43 -0.66 27.79
C LYS C 45 -0.79 -0.66 26.30
N ASP C 46 0.19 -0.93 25.42
CA ASP C 46 0.03 -0.89 23.97
C ASP C 46 -0.24 -2.27 23.33
N TYR C 47 0.78 -3.16 23.21
CA TYR C 47 0.60 -4.44 22.53
C TYR C 47 1.42 -5.60 23.11
N VAL C 48 1.05 -6.82 22.71
CA VAL C 48 1.72 -8.07 23.06
C VAL C 48 1.71 -8.98 21.80
N GLN C 49 2.89 -9.56 21.49
CA GLN C 49 3.06 -10.51 20.41
C GLN C 49 3.51 -11.85 21.00
N ILE C 50 2.81 -12.92 20.60
CA ILE C 50 3.11 -14.30 21.00
C ILE C 50 3.56 -15.04 19.74
N MET C 51 4.81 -15.54 19.72
CA MET C 51 5.27 -16.32 18.59
C MET C 51 5.56 -17.74 19.05
N CYS C 52 4.73 -18.66 18.56
CA CYS C 52 4.77 -20.08 18.90
C CYS C 52 5.63 -20.86 17.92
N ASN C 53 6.24 -21.93 18.42
CA ASN C 53 6.95 -22.97 17.66
C ASN C 53 6.45 -24.28 18.24
N LEU C 54 5.25 -24.69 17.81
CA LEU C 54 4.56 -25.87 18.32
C LEU C 54 4.56 -27.02 17.33
N THR C 55 4.53 -28.26 17.89
CA THR C 55 4.46 -29.53 17.17
C THR C 55 3.03 -30.10 17.32
N ASP C 56 2.38 -29.78 18.46
CA ASP C 56 1.00 -30.13 18.79
C ASP C 56 0.48 -29.19 19.89
N THR C 57 -0.86 -29.13 20.03
CA THR C 57 -1.59 -28.29 20.99
C THR C 57 -1.19 -28.52 22.48
N THR C 58 -0.59 -29.69 22.83
CA THR C 58 -0.17 -29.99 24.21
C THR C 58 1.06 -29.12 24.62
N ASP C 59 1.75 -28.51 23.64
CA ASP C 59 2.90 -27.65 23.88
C ASP C 59 2.50 -26.31 24.56
N TYR C 60 1.18 -25.99 24.60
CA TYR C 60 0.66 -24.80 25.31
C TYR C 60 0.80 -24.97 26.84
N GLN C 61 1.02 -26.22 27.31
CA GLN C 61 1.22 -26.53 28.73
C GLN C 61 2.55 -25.93 29.25
N GLN C 62 3.48 -25.57 28.33
CA GLN C 62 4.74 -24.97 28.71
C GLN C 62 4.76 -23.43 28.40
N LEU C 63 3.59 -22.77 28.58
CA LEU C 63 3.43 -21.32 28.45
C LEU C 63 3.97 -20.64 29.74
N PRO C 64 4.46 -19.37 29.72
CA PRO C 64 4.95 -18.76 30.97
C PRO C 64 3.89 -18.73 32.07
N LYS C 65 4.25 -19.31 33.22
CA LYS C 65 3.39 -19.45 34.40
C LYS C 65 3.21 -18.10 35.10
N LYS C 66 2.01 -17.90 35.70
CA LYS C 66 1.54 -16.69 36.39
C LYS C 66 1.43 -15.58 35.33
N LEU C 67 2.36 -14.58 35.34
CA LEU C 67 2.47 -13.44 34.42
C LEU C 67 1.20 -12.57 34.35
N ARG C 68 1.38 -11.28 34.62
CA ARG C 68 0.30 -10.29 34.64
C ARG C 68 0.66 -9.18 33.69
N ILE C 69 0.13 -9.27 32.45
CA ILE C 69 0.36 -8.31 31.38
C ILE C 69 -0.57 -7.10 31.60
N GLY C 70 -1.84 -7.37 31.91
CA GLY C 70 -2.86 -6.37 32.17
C GLY C 70 -3.45 -5.72 30.94
N GLU C 71 -3.77 -4.42 31.05
CA GLU C 71 -4.38 -3.59 29.98
C GLU C 71 -3.47 -3.52 28.76
N VAL C 72 -3.98 -3.98 27.61
CA VAL C 72 -3.26 -3.98 26.33
C VAL C 72 -4.28 -3.71 25.22
N ASP C 73 -3.90 -2.94 24.18
CA ASP C 73 -4.81 -2.62 23.08
C ASP C 73 -4.83 -3.71 22.01
N ARG C 74 -3.64 -4.19 21.61
CA ARG C 74 -3.46 -5.17 20.53
C ARG C 74 -2.89 -6.52 21.03
N VAL C 75 -3.36 -7.63 20.39
CA VAL C 75 -2.86 -8.98 20.65
C VAL C 75 -2.53 -9.59 19.28
N GLN C 76 -1.26 -9.96 19.07
CA GLN C 76 -0.77 -10.54 17.84
C GLN C 76 -0.19 -11.94 18.10
N MET C 77 -0.74 -12.96 17.42
CA MET C 77 -0.30 -14.34 17.56
C MET C 77 0.23 -14.82 16.24
N ARG C 78 1.51 -15.16 16.20
CA ARG C 78 2.16 -15.62 14.97
C ARG C 78 2.61 -17.04 15.11
N ARG C 79 2.30 -17.86 14.09
CA ARG C 79 2.67 -19.27 13.96
C ARG C 79 2.05 -20.17 15.05
N CYS C 80 0.96 -19.74 15.71
CA CYS C 80 0.33 -20.51 16.78
C CYS C 80 -0.81 -21.38 16.30
N MET C 81 -0.93 -22.56 16.89
CA MET C 81 -1.99 -23.52 16.62
C MET C 81 -3.27 -23.11 17.34
N LEU C 82 -4.44 -23.16 16.64
CA LEU C 82 -5.74 -22.89 17.28
C LEU C 82 -5.91 -23.90 18.44
N PRO C 83 -6.28 -23.45 19.66
CA PRO C 83 -6.23 -24.37 20.82
C PRO C 83 -7.37 -25.39 20.93
N GLY C 84 -7.41 -26.33 19.98
CA GLY C 84 -8.41 -27.39 19.93
C GLY C 84 -9.82 -26.85 20.00
N HIS C 85 -10.61 -27.40 20.92
CA HIS C 85 -11.99 -26.94 21.11
C HIS C 85 -12.09 -26.11 22.40
N THR C 86 -11.24 -25.08 22.51
CA THR C 86 -11.21 -24.12 23.62
C THR C 86 -11.09 -22.67 23.06
N PRO C 87 -11.55 -21.62 23.80
CA PRO C 87 -11.41 -20.25 23.26
C PRO C 87 -9.96 -19.76 23.30
N ILE C 88 -9.63 -18.79 22.44
CA ILE C 88 -8.30 -18.15 22.40
C ILE C 88 -8.17 -17.32 23.69
N ALA C 89 -9.30 -16.73 24.14
CA ALA C 89 -9.45 -15.92 25.36
C ALA C 89 -8.83 -16.60 26.59
N SER C 90 -8.77 -17.94 26.61
CA SER C 90 -8.20 -18.74 27.70
C SER C 90 -6.67 -18.58 27.75
N ILE C 91 -6.00 -18.53 26.56
CA ILE C 91 -4.54 -18.31 26.46
C ILE C 91 -4.27 -16.89 26.99
N LEU C 92 -5.12 -15.93 26.55
CA LEU C 92 -5.06 -14.53 26.95
C LEU C 92 -5.29 -14.38 28.46
N ASP C 93 -6.25 -15.17 29.00
CA ASP C 93 -6.62 -15.21 30.42
C ASP C 93 -5.45 -15.73 31.27
N TYR C 94 -4.74 -16.78 30.76
CA TYR C 94 -3.58 -17.41 31.42
C TYR C 94 -2.37 -16.44 31.48
N LEU C 95 -2.23 -15.54 30.49
CA LEU C 95 -1.13 -14.56 30.48
C LEU C 95 -1.53 -13.25 31.18
N GLY C 96 -2.80 -13.17 31.61
CA GLY C 96 -3.36 -12.00 32.28
C GLY C 96 -3.47 -10.79 31.39
N ILE C 97 -4.21 -10.94 30.25
CA ILE C 97 -4.46 -9.88 29.27
C ILE C 97 -5.90 -9.40 29.40
N VAL C 98 -6.11 -8.10 29.69
CA VAL C 98 -7.43 -7.49 29.85
C VAL C 98 -7.63 -6.34 28.84
N SER C 99 -8.90 -6.16 28.41
CA SER C 99 -9.40 -5.13 27.49
C SER C 99 -8.65 -5.12 26.12
N PRO C 100 -8.35 -6.27 25.45
CA PRO C 100 -7.72 -6.18 24.13
C PRO C 100 -8.78 -5.87 23.07
N THR C 101 -8.57 -4.80 22.32
CA THR C 101 -9.51 -4.34 21.29
C THR C 101 -9.15 -4.83 19.87
N THR C 102 -7.91 -5.35 19.69
CA THR C 102 -7.38 -5.83 18.42
C THR C 102 -6.79 -7.24 18.60
N LEU C 103 -7.21 -8.17 17.73
CA LEU C 103 -6.71 -9.54 17.71
C LEU C 103 -6.23 -9.92 16.30
N ILE C 104 -4.94 -10.26 16.19
CA ILE C 104 -4.29 -10.69 14.97
C ILE C 104 -3.80 -12.14 15.19
N PHE C 105 -4.26 -13.08 14.36
CA PHE C 105 -3.87 -14.47 14.39
C PHE C 105 -3.33 -14.84 12.99
N GLU C 106 -1.99 -14.99 12.86
CA GLU C 106 -1.30 -15.30 11.60
C GLU C 106 -0.56 -16.61 11.73
N SER C 107 -0.98 -17.66 11.00
CA SER C 107 -0.34 -18.99 11.18
C SER C 107 -0.56 -19.91 9.99
N ASP C 108 0.44 -20.76 9.70
CA ASP C 108 0.42 -21.77 8.63
C ASP C 108 0.42 -23.16 9.26
N ASN C 109 0.30 -23.16 10.58
CA ASN C 109 0.26 -24.32 11.45
C ASN C 109 -0.97 -24.14 12.32
N LEU C 110 -2.15 -24.31 11.70
CA LEU C 110 -3.42 -24.15 12.41
C LEU C 110 -3.79 -25.42 13.17
N GLY C 111 -3.62 -26.57 12.50
CA GLY C 111 -3.93 -27.89 13.06
C GLY C 111 -5.39 -28.29 12.89
N MET C 112 -6.27 -27.28 12.71
CA MET C 112 -7.72 -27.42 12.53
C MET C 112 -8.31 -26.18 11.83
N ASN C 113 -9.64 -26.15 11.65
CA ASN C 113 -10.31 -24.97 11.09
C ASN C 113 -10.83 -24.09 12.26
N ILE C 114 -10.85 -22.75 12.07
CA ILE C 114 -11.31 -21.79 13.08
C ILE C 114 -12.82 -21.97 13.37
N THR C 115 -13.22 -21.71 14.62
CA THR C 115 -14.63 -21.88 15.04
C THR C 115 -15.13 -20.64 15.80
N ARG C 116 -16.48 -20.49 15.96
CA ARG C 116 -17.16 -19.45 16.74
C ARG C 116 -16.62 -19.45 18.17
N GLN C 117 -16.34 -20.67 18.71
CA GLN C 117 -15.82 -20.93 20.06
C GLN C 117 -14.42 -20.34 20.28
N HIS C 118 -13.53 -20.42 19.25
CA HIS C 118 -12.18 -19.86 19.31
C HIS C 118 -12.21 -18.38 19.62
N LEU C 119 -13.38 -17.72 19.37
CA LEU C 119 -13.56 -16.28 19.59
C LEU C 119 -14.55 -15.96 20.75
N ASP C 120 -14.77 -16.93 21.67
CA ASP C 120 -15.66 -16.73 22.83
C ASP C 120 -15.06 -15.69 23.80
N ARG C 121 -15.94 -14.95 24.50
CA ARG C 121 -15.65 -13.91 25.51
C ARG C 121 -15.16 -12.60 24.87
N LEU C 122 -14.26 -12.66 23.85
CA LEU C 122 -13.73 -11.44 23.21
C LEU C 122 -14.64 -10.92 22.08
N HIS C 123 -15.97 -10.80 22.36
CA HIS C 123 -16.96 -10.29 21.41
C HIS C 123 -17.01 -8.74 21.38
N GLY C 124 -16.22 -8.08 22.23
CA GLY C 124 -16.14 -6.63 22.32
C GLY C 124 -14.98 -6.05 21.52
N LEU C 125 -14.31 -6.93 20.77
CA LEU C 125 -13.20 -6.66 19.87
C LEU C 125 -13.62 -5.67 18.79
N LYS C 126 -12.74 -4.74 18.42
CA LYS C 126 -13.02 -3.71 17.42
C LYS C 126 -12.29 -3.99 16.11
N ARG C 127 -11.23 -4.81 16.18
CA ARG C 127 -10.38 -5.17 15.03
C ARG C 127 -10.04 -6.64 15.08
N PHE C 128 -10.25 -7.35 13.95
CA PHE C 128 -9.92 -8.76 13.84
C PHE C 128 -9.25 -9.08 12.52
N ARG C 129 -8.08 -9.73 12.61
CA ARG C 129 -7.31 -10.22 11.47
C ARG C 129 -7.04 -11.73 11.65
N PHE C 130 -7.41 -12.51 10.62
CA PHE C 130 -7.15 -13.94 10.57
C PHE C 130 -6.45 -14.22 9.27
N THR C 131 -5.20 -14.69 9.35
CA THR C 131 -4.36 -14.89 8.17
C THR C 131 -3.70 -16.26 8.17
N THR C 132 -3.73 -16.94 7.00
CA THR C 132 -3.13 -18.25 6.81
C THR C 132 -2.87 -18.55 5.33
N ARG C 133 -1.85 -19.39 5.06
CA ARG C 133 -1.48 -19.88 3.74
C ARG C 133 -2.11 -21.26 3.54
N ARG C 134 -2.84 -21.73 4.57
CA ARG C 134 -3.54 -23.00 4.55
C ARG C 134 -4.87 -22.88 3.82
N LEU C 135 -5.31 -24.00 3.23
CA LEU C 135 -6.61 -24.14 2.59
C LEU C 135 -7.58 -24.25 3.77
N THR C 136 -8.49 -23.29 3.93
CA THR C 136 -9.37 -23.32 5.09
C THR C 136 -10.85 -23.28 4.72
N HIS C 137 -11.68 -23.46 5.74
CA HIS C 137 -13.13 -23.41 5.69
C HIS C 137 -13.58 -22.42 6.78
N ILE C 138 -14.32 -21.37 6.38
CA ILE C 138 -14.79 -20.35 7.33
C ILE C 138 -16.27 -20.64 7.68
N PRO C 139 -16.60 -20.88 8.97
CA PRO C 139 -18.00 -21.13 9.33
C PRO C 139 -18.81 -19.83 9.40
N ALA C 140 -20.05 -19.87 8.90
CA ALA C 140 -21.01 -18.76 8.82
C ALA C 140 -21.27 -18.09 10.19
N ASN C 141 -21.09 -18.85 11.30
CA ASN C 141 -21.33 -18.40 12.68
C ASN C 141 -20.08 -17.86 13.36
N LEU C 142 -18.90 -17.88 12.70
CA LEU C 142 -17.62 -17.45 13.27
C LEU C 142 -17.71 -16.09 13.97
N LEU C 143 -18.34 -15.11 13.31
CA LEU C 143 -18.41 -13.74 13.84
C LEU C 143 -19.77 -13.41 14.48
N THR C 144 -20.46 -14.41 15.06
CA THR C 144 -21.71 -14.19 15.81
C THR C 144 -21.36 -13.35 17.06
N ASP C 145 -22.19 -12.32 17.34
CA ASP C 145 -22.08 -11.38 18.47
C ASP C 145 -20.86 -10.43 18.37
N MET C 146 -20.24 -10.34 17.18
CA MET C 146 -19.10 -9.44 16.97
C MET C 146 -19.66 -8.05 16.60
N ARG C 147 -20.59 -7.57 17.44
CA ARG C 147 -21.32 -6.31 17.27
C ARG C 147 -20.43 -5.07 17.44
N ASN C 148 -19.23 -5.24 18.02
CA ASN C 148 -18.28 -4.15 18.23
C ASN C 148 -17.20 -4.07 17.13
N LEU C 149 -17.17 -5.04 16.17
CA LEU C 149 -16.17 -5.04 15.11
C LEU C 149 -16.32 -3.84 14.20
N SER C 150 -15.21 -3.15 13.95
CA SER C 150 -15.12 -1.97 13.11
C SER C 150 -14.23 -2.24 11.92
N HIS C 151 -13.25 -3.16 12.07
CA HIS C 151 -12.32 -3.57 11.04
C HIS C 151 -12.20 -5.06 11.00
N LEU C 152 -12.46 -5.65 9.83
CA LEU C 152 -12.34 -7.08 9.60
C LEU C 152 -11.38 -7.35 8.46
N GLU C 153 -10.42 -8.24 8.72
CA GLU C 153 -9.43 -8.69 7.74
C GLU C 153 -9.35 -10.22 7.81
N LEU C 154 -9.62 -10.87 6.66
CA LEU C 154 -9.58 -12.32 6.50
C LEU C 154 -8.76 -12.63 5.25
N ARG C 155 -7.69 -13.42 5.41
CA ARG C 155 -6.82 -13.79 4.30
C ARG C 155 -6.49 -15.23 4.48
N ALA C 156 -7.36 -16.09 3.96
CA ALA C 156 -7.25 -17.52 4.20
C ALA C 156 -7.64 -18.37 2.97
N ASN C 157 -7.28 -17.93 1.74
CA ASN C 157 -7.56 -18.63 0.47
C ASN C 157 -9.07 -18.93 0.31
N ILE C 158 -9.94 -18.04 0.84
CA ILE C 158 -11.39 -18.16 0.83
C ILE C 158 -11.92 -18.05 -0.61
N GLU C 159 -12.71 -19.04 -1.03
CA GLU C 159 -13.30 -19.13 -2.37
C GLU C 159 -14.71 -18.54 -2.37
N GLU C 160 -15.44 -18.79 -1.27
CA GLU C 160 -16.79 -18.29 -1.06
C GLU C 160 -16.96 -17.92 0.39
N MET C 161 -17.39 -16.68 0.63
CA MET C 161 -17.62 -16.07 1.94
C MET C 161 -19.10 -16.27 2.29
N PRO C 162 -19.43 -16.94 3.43
CA PRO C 162 -20.85 -17.17 3.76
C PRO C 162 -21.60 -15.86 4.02
N SER C 163 -22.84 -15.76 3.51
CA SER C 163 -23.69 -14.59 3.66
C SER C 163 -24.00 -14.24 5.13
N HIS C 164 -24.20 -15.27 5.97
CA HIS C 164 -24.54 -15.10 7.39
C HIS C 164 -23.33 -14.73 8.27
N LEU C 165 -22.13 -14.62 7.67
CA LEU C 165 -20.89 -14.22 8.36
C LEU C 165 -20.91 -12.73 8.67
N PHE C 166 -21.75 -11.97 7.96
CA PHE C 166 -21.81 -10.52 8.06
C PHE C 166 -22.97 -10.02 8.94
N ASP C 167 -23.75 -10.95 9.52
CA ASP C 167 -24.80 -10.59 10.48
C ASP C 167 -24.13 -10.12 11.77
N ASP C 168 -24.79 -9.20 12.50
CA ASP C 168 -24.32 -8.62 13.77
C ASP C 168 -23.02 -7.82 13.58
N LEU C 169 -22.68 -7.53 12.32
CA LEU C 169 -21.50 -6.72 12.00
C LEU C 169 -22.00 -5.34 11.59
N GLU C 170 -22.99 -4.83 12.37
CA GLU C 170 -23.68 -3.55 12.22
C GLU C 170 -22.76 -2.33 12.39
N ASN C 171 -21.63 -2.46 13.12
CA ASN C 171 -20.72 -1.33 13.32
C ASN C 171 -19.44 -1.40 12.46
N LEU C 172 -19.37 -2.35 11.50
CA LEU C 172 -18.20 -2.52 10.65
C LEU C 172 -18.02 -1.34 9.68
N GLU C 173 -16.79 -0.82 9.61
CA GLU C 173 -16.37 0.31 8.78
C GLU C 173 -15.34 -0.11 7.72
N SER C 174 -14.58 -1.18 7.99
CA SER C 174 -13.53 -1.63 7.09
C SER C 174 -13.54 -3.14 6.84
N ILE C 175 -13.33 -3.53 5.57
CA ILE C 175 -13.22 -4.90 5.10
C ILE C 175 -11.92 -5.03 4.29
N GLU C 176 -11.08 -6.03 4.64
CA GLU C 176 -9.85 -6.32 3.90
C GLU C 176 -9.85 -7.82 3.51
N PHE C 177 -10.33 -8.12 2.29
CA PHE C 177 -10.39 -9.49 1.76
C PHE C 177 -9.39 -9.69 0.61
N GLY C 178 -8.29 -8.93 0.64
CA GLY C 178 -7.22 -9.02 -0.33
C GLY C 178 -6.53 -10.38 -0.28
N SER C 179 -5.94 -10.80 -1.42
CA SER C 179 -5.22 -12.08 -1.59
C SER C 179 -6.06 -13.36 -1.25
N ASN C 180 -7.38 -13.32 -1.40
CA ASN C 180 -8.20 -14.54 -1.24
C ASN C 180 -8.46 -15.09 -2.65
N LYS C 181 -9.44 -15.99 -2.84
CA LYS C 181 -9.78 -16.55 -4.15
C LYS C 181 -11.27 -16.34 -4.45
N LEU C 182 -11.85 -15.21 -3.99
CA LEU C 182 -13.29 -14.95 -4.14
C LEU C 182 -13.66 -14.81 -5.62
N ARG C 183 -14.65 -15.60 -6.07
CA ARG C 183 -15.13 -15.61 -7.45
C ARG C 183 -16.38 -14.77 -7.60
N GLN C 184 -17.18 -14.69 -6.54
CA GLN C 184 -18.43 -13.96 -6.56
C GLN C 184 -18.62 -13.21 -5.26
N MET C 185 -19.39 -12.12 -5.30
CA MET C 185 -19.72 -11.36 -4.09
C MET C 185 -20.83 -12.10 -3.29
N PRO C 186 -20.71 -12.19 -1.94
CA PRO C 186 -21.81 -12.82 -1.16
C PRO C 186 -23.03 -11.91 -1.25
N ARG C 187 -24.21 -12.49 -1.46
CA ARG C 187 -25.45 -11.74 -1.72
C ARG C 187 -26.12 -11.14 -0.47
N GLY C 188 -26.61 -9.91 -0.66
CA GLY C 188 -27.31 -9.09 0.34
C GLY C 188 -26.48 -8.70 1.55
N ILE C 189 -25.16 -8.80 1.42
CA ILE C 189 -24.17 -8.57 2.47
C ILE C 189 -24.09 -7.13 2.98
N PHE C 190 -24.36 -6.13 2.12
CA PHE C 190 -24.21 -4.73 2.47
C PHE C 190 -25.43 -4.13 3.17
N GLY C 191 -26.56 -4.83 3.15
CA GLY C 191 -27.73 -4.39 3.87
C GLY C 191 -27.49 -4.50 5.37
N LYS C 192 -26.56 -5.41 5.75
CA LYS C 192 -26.17 -5.75 7.12
C LYS C 192 -25.14 -4.79 7.72
N MET C 193 -24.39 -4.03 6.88
CA MET C 193 -23.33 -3.14 7.32
C MET C 193 -23.56 -1.66 6.88
N PRO C 194 -24.42 -0.88 7.60
CA PRO C 194 -24.69 0.50 7.19
C PRO C 194 -23.59 1.54 7.51
N LYS C 195 -22.46 1.12 8.10
CA LYS C 195 -21.37 2.05 8.42
C LYS C 195 -20.08 1.70 7.64
N LEU C 196 -20.18 0.76 6.65
CA LEU C 196 -19.04 0.33 5.83
C LEU C 196 -18.57 1.46 4.93
N LYS C 197 -17.26 1.71 4.95
CA LYS C 197 -16.63 2.81 4.23
C LYS C 197 -15.54 2.29 3.33
N GLN C 198 -14.71 1.37 3.82
CA GLN C 198 -13.64 0.77 3.03
C GLN C 198 -13.98 -0.68 2.72
N LEU C 199 -13.78 -1.06 1.46
CA LEU C 199 -14.07 -2.38 0.92
C LEU C 199 -12.90 -2.82 0.01
N ASN C 200 -11.94 -3.57 0.60
CA ASN C 200 -10.75 -4.03 -0.10
C ASN C 200 -10.95 -5.46 -0.56
N LEU C 201 -11.03 -5.62 -1.89
CA LEU C 201 -11.31 -6.88 -2.60
C LEU C 201 -10.27 -7.18 -3.64
N TRP C 202 -9.11 -6.54 -3.50
CA TRP C 202 -7.99 -6.67 -4.42
C TRP C 202 -7.39 -8.08 -4.37
N SER C 203 -6.73 -8.53 -5.46
CA SER C 203 -6.10 -9.85 -5.63
C SER C 203 -7.03 -11.02 -5.36
N ASN C 204 -8.25 -10.92 -5.88
CA ASN C 204 -9.24 -12.00 -5.82
C ASN C 204 -9.49 -12.51 -7.26
N GLN C 205 -10.62 -13.20 -7.50
CA GLN C 205 -11.01 -13.74 -8.81
C GLN C 205 -12.39 -13.22 -9.19
N LEU C 206 -12.67 -11.94 -8.84
CA LEU C 206 -13.99 -11.36 -9.13
C LEU C 206 -14.04 -10.85 -10.57
N HIS C 207 -14.08 -11.80 -11.52
CA HIS C 207 -14.09 -11.53 -12.97
C HIS C 207 -15.44 -11.02 -13.45
N ASN C 208 -16.53 -11.40 -12.77
CA ASN C 208 -17.90 -11.10 -13.17
C ASN C 208 -18.66 -10.23 -12.15
N LEU C 209 -18.34 -8.95 -12.04
CA LEU C 209 -19.08 -8.09 -11.12
C LEU C 209 -20.26 -7.44 -11.83
N THR C 210 -21.42 -7.35 -11.15
CA THR C 210 -22.61 -6.68 -11.70
C THR C 210 -23.16 -5.68 -10.68
N LYS C 211 -24.16 -4.86 -11.11
CA LYS C 211 -24.90 -3.87 -10.34
C LYS C 211 -25.36 -4.43 -8.97
N HIS C 212 -25.96 -5.66 -8.95
CA HIS C 212 -26.52 -6.35 -7.77
C HIS C 212 -25.45 -6.76 -6.74
N ASP C 213 -24.18 -6.93 -7.16
CA ASP C 213 -23.09 -7.30 -6.24
C ASP C 213 -22.79 -6.20 -5.18
N PHE C 214 -23.24 -4.94 -5.39
CA PHE C 214 -22.99 -3.86 -4.43
C PHE C 214 -24.30 -3.23 -3.94
N GLU C 215 -25.41 -3.97 -4.01
CA GLU C 215 -26.71 -3.46 -3.55
C GLU C 215 -26.66 -3.24 -2.03
N GLY C 216 -27.08 -2.06 -1.58
CA GLY C 216 -27.06 -1.68 -0.18
C GLY C 216 -25.74 -1.08 0.33
N ALA C 217 -24.71 -0.98 -0.55
CA ALA C 217 -23.39 -0.42 -0.22
C ALA C 217 -23.37 1.11 -0.47
N THR C 218 -24.46 1.80 -0.09
CA THR C 218 -24.66 3.24 -0.30
C THR C 218 -23.77 4.12 0.59
N SER C 219 -23.22 3.58 1.71
CA SER C 219 -22.36 4.35 2.61
C SER C 219 -20.86 4.19 2.29
N VAL C 220 -20.50 3.20 1.41
CA VAL C 220 -19.11 2.86 1.00
C VAL C 220 -18.42 4.06 0.33
N LEU C 221 -17.18 4.36 0.78
CA LEU C 221 -16.38 5.46 0.25
C LEU C 221 -15.25 4.98 -0.65
N GLY C 222 -14.66 3.82 -0.34
CA GLY C 222 -13.57 3.28 -1.13
C GLY C 222 -13.78 1.84 -1.53
N ILE C 223 -13.60 1.55 -2.83
CA ILE C 223 -13.71 0.18 -3.39
C ILE C 223 -12.40 -0.11 -4.12
N ASP C 224 -11.68 -1.13 -3.65
CA ASP C 224 -10.42 -1.52 -4.27
C ASP C 224 -10.61 -2.90 -4.86
N ILE C 225 -10.75 -2.98 -6.18
CA ILE C 225 -10.91 -4.25 -6.88
C ILE C 225 -9.73 -4.50 -7.86
N HIS C 226 -8.52 -3.97 -7.54
CA HIS C 226 -7.35 -4.16 -8.40
C HIS C 226 -6.91 -5.65 -8.40
N ASP C 227 -6.36 -6.12 -9.52
CA ASP C 227 -5.89 -7.50 -9.74
C ASP C 227 -7.03 -8.50 -9.51
N ASN C 228 -8.09 -8.39 -10.29
CA ASN C 228 -9.22 -9.31 -10.17
C ASN C 228 -9.49 -10.06 -11.50
N GLY C 229 -8.59 -9.91 -12.47
CA GLY C 229 -8.70 -10.57 -13.76
C GLY C 229 -9.91 -10.14 -14.56
N ILE C 230 -10.40 -8.90 -14.29
CA ILE C 230 -11.57 -8.33 -14.94
C ILE C 230 -11.19 -7.91 -16.36
N GLU C 231 -11.97 -8.37 -17.32
CA GLU C 231 -11.78 -8.03 -18.74
C GLU C 231 -12.82 -7.02 -19.12
N GLN C 232 -14.01 -7.15 -18.53
CA GLN C 232 -15.18 -6.35 -18.84
C GLN C 232 -15.95 -5.99 -17.60
N LEU C 233 -16.70 -4.90 -17.69
CA LEU C 233 -17.48 -4.37 -16.59
C LEU C 233 -18.75 -3.72 -17.13
N PRO C 234 -19.98 -4.13 -16.72
CA PRO C 234 -21.19 -3.47 -17.25
C PRO C 234 -21.26 -2.01 -16.79
N HIS C 235 -21.87 -1.12 -17.61
CA HIS C 235 -21.97 0.32 -17.34
C HIS C 235 -22.58 0.69 -15.98
N ASP C 236 -23.42 -0.18 -15.40
CA ASP C 236 -24.14 0.08 -14.16
C ASP C 236 -23.57 -0.69 -12.95
N VAL C 237 -22.37 -1.29 -13.10
CA VAL C 237 -21.72 -2.07 -12.04
C VAL C 237 -21.59 -1.27 -10.70
N PHE C 238 -21.42 0.08 -10.75
CA PHE C 238 -21.26 0.89 -9.53
C PHE C 238 -22.47 1.84 -9.28
N ALA C 239 -23.63 1.58 -9.89
CA ALA C 239 -24.83 2.40 -9.73
C ALA C 239 -25.25 2.57 -8.26
N HIS C 240 -25.08 1.49 -7.44
CA HIS C 240 -25.46 1.42 -6.02
C HIS C 240 -24.45 2.08 -5.05
N LEU C 241 -23.20 2.35 -5.51
CA LEU C 241 -22.12 2.97 -4.72
C LEU C 241 -22.20 4.48 -4.87
N THR C 242 -23.34 5.07 -4.51
CA THR C 242 -23.65 6.50 -4.67
C THR C 242 -22.75 7.48 -3.85
N ASN C 243 -22.05 6.99 -2.81
CA ASN C 243 -21.16 7.80 -1.97
C ASN C 243 -19.68 7.53 -2.27
N VAL C 244 -19.37 6.51 -3.13
CA VAL C 244 -17.99 6.11 -3.45
C VAL C 244 -17.14 7.36 -3.82
N THR C 245 -15.95 7.40 -3.24
CA THR C 245 -14.99 8.49 -3.35
C THR C 245 -13.71 8.00 -4.08
N ASP C 246 -13.29 6.75 -3.84
CA ASP C 246 -12.10 6.16 -4.44
C ASP C 246 -12.41 4.85 -5.06
N ILE C 247 -11.99 4.67 -6.31
CA ILE C 247 -12.15 3.41 -7.02
C ILE C 247 -10.80 2.99 -7.57
N ASN C 248 -10.38 1.75 -7.25
CA ASN C 248 -9.15 1.18 -7.76
C ASN C 248 -9.48 0.03 -8.72
N LEU C 249 -9.27 0.28 -10.03
CA LEU C 249 -9.54 -0.66 -11.13
C LEU C 249 -8.26 -1.18 -11.74
N SER C 250 -7.13 -0.96 -11.03
CA SER C 250 -5.80 -1.26 -11.52
C SER C 250 -5.53 -2.75 -11.74
N ALA C 251 -4.41 -3.06 -12.43
CA ALA C 251 -3.84 -4.39 -12.70
C ALA C 251 -4.91 -5.41 -13.16
N ASN C 252 -5.86 -4.92 -13.99
CA ASN C 252 -6.91 -5.75 -14.56
C ASN C 252 -6.65 -5.95 -16.07
N LEU C 253 -7.62 -6.49 -16.82
CA LEU C 253 -7.44 -6.86 -18.23
C LEU C 253 -8.45 -6.17 -19.17
N PHE C 254 -8.76 -4.90 -18.95
CA PHE C 254 -9.71 -4.20 -19.81
C PHE C 254 -9.12 -3.87 -21.19
N ARG C 255 -9.92 -4.15 -22.23
CA ARG C 255 -9.64 -3.82 -23.63
C ARG C 255 -10.48 -2.59 -23.95
N SER C 256 -11.51 -2.31 -23.10
CA SER C 256 -12.41 -1.16 -23.19
C SER C 256 -13.13 -0.94 -21.86
N LEU C 257 -13.78 0.22 -21.69
CA LEU C 257 -14.61 0.59 -20.53
C LEU C 257 -15.97 1.04 -21.06
N PRO C 258 -17.11 0.77 -20.36
CA PRO C 258 -18.41 1.26 -20.86
C PRO C 258 -18.56 2.78 -20.67
N GLN C 259 -19.44 3.42 -21.45
CA GLN C 259 -19.57 4.87 -21.48
C GLN C 259 -19.93 5.57 -20.15
N GLY C 260 -20.97 5.11 -19.45
CA GLY C 260 -21.38 5.79 -18.23
C GLY C 260 -21.00 5.09 -16.95
N LEU C 261 -19.79 4.51 -16.92
CA LEU C 261 -19.27 3.73 -15.80
C LEU C 261 -19.34 4.49 -14.47
N PHE C 262 -19.13 5.82 -14.47
CA PHE C 262 -19.13 6.57 -13.22
C PHE C 262 -20.34 7.49 -13.04
N ASP C 263 -21.43 7.21 -13.79
CA ASP C 263 -22.72 7.88 -13.60
C ASP C 263 -23.27 7.35 -12.27
N HIS C 264 -23.95 8.20 -11.49
CA HIS C 264 -24.47 7.90 -10.13
C HIS C 264 -23.33 8.00 -9.06
N ASN C 265 -22.06 7.98 -9.48
CA ASN C 265 -20.89 8.11 -8.61
C ASN C 265 -20.34 9.55 -8.71
N LYS C 266 -21.17 10.53 -8.31
CA LYS C 266 -20.89 11.98 -8.38
C LYS C 266 -20.10 12.53 -7.17
N HIS C 267 -19.58 11.64 -6.29
CA HIS C 267 -18.77 12.03 -5.13
C HIS C 267 -17.35 11.47 -5.27
N LEU C 268 -16.98 11.08 -6.50
CA LEU C 268 -15.66 10.56 -6.79
C LEU C 268 -14.60 11.59 -6.50
N ASN C 269 -13.45 11.14 -5.98
CA ASN C 269 -12.33 12.03 -5.68
C ASN C 269 -11.06 11.52 -6.34
N GLU C 270 -10.90 10.21 -6.46
CA GLU C 270 -9.71 9.64 -7.08
C GLU C 270 -10.06 8.38 -7.81
N VAL C 271 -9.50 8.19 -9.02
CA VAL C 271 -9.70 6.96 -9.77
C VAL C 271 -8.33 6.46 -10.23
N ARG C 272 -8.02 5.21 -9.90
CA ARG C 272 -6.78 4.56 -10.33
C ARG C 272 -7.13 3.49 -11.32
N LEU C 273 -6.44 3.51 -12.44
CA LEU C 273 -6.53 2.50 -13.49
C LEU C 273 -5.12 2.39 -14.05
N MET C 274 -4.27 1.78 -13.25
CA MET C 274 -2.85 1.63 -13.52
C MET C 274 -2.49 0.19 -13.83
N ASN C 275 -1.38 0.00 -14.56
CA ASN C 275 -0.79 -1.30 -14.88
C ASN C 275 -1.79 -2.28 -15.41
N ASN C 276 -2.61 -1.85 -16.38
CA ASN C 276 -3.56 -2.71 -17.10
C ASN C 276 -2.69 -3.73 -17.82
N ARG C 277 -3.03 -5.02 -17.72
CA ARG C 277 -2.15 -6.08 -18.22
C ARG C 277 -2.22 -6.34 -19.71
N VAL C 278 -3.10 -5.62 -20.43
CA VAL C 278 -3.34 -5.68 -21.88
C VAL C 278 -3.49 -4.23 -22.40
N PRO C 279 -3.30 -3.94 -23.70
CA PRO C 279 -3.49 -2.57 -24.17
C PRO C 279 -4.97 -2.13 -24.11
N LEU C 280 -5.19 -0.97 -23.51
CA LEU C 280 -6.47 -0.27 -23.41
C LEU C 280 -6.30 0.95 -24.29
N ALA C 281 -6.61 0.83 -25.58
CA ALA C 281 -6.39 1.85 -26.60
C ALA C 281 -6.97 3.23 -26.25
N THR C 282 -8.21 3.27 -25.73
CA THR C 282 -8.84 4.55 -25.40
C THR C 282 -9.85 4.40 -24.27
N LEU C 283 -10.39 5.54 -23.82
CA LEU C 283 -11.41 5.65 -22.78
C LEU C 283 -12.72 6.13 -23.43
N PRO C 284 -13.92 5.82 -22.90
CA PRO C 284 -15.14 6.30 -23.55
C PRO C 284 -15.38 7.78 -23.28
N SER C 285 -16.22 8.41 -24.10
CA SER C 285 -16.62 9.81 -24.02
C SER C 285 -17.21 10.15 -22.65
N ARG C 286 -16.76 11.28 -22.07
CA ARG C 286 -17.20 11.86 -20.79
C ARG C 286 -17.01 10.92 -19.58
N LEU C 287 -16.00 10.00 -19.64
CA LEU C 287 -15.78 9.01 -18.57
C LEU C 287 -15.60 9.68 -17.22
N PHE C 288 -14.78 10.75 -17.18
CA PHE C 288 -14.46 11.47 -15.96
C PHE C 288 -15.03 12.88 -15.99
N ALA C 289 -16.19 13.04 -16.67
CA ALA C 289 -16.86 14.32 -16.83
C ALA C 289 -17.99 14.50 -15.84
N ASN C 290 -18.38 15.78 -15.60
CA ASN C 290 -19.46 16.27 -14.71
C ASN C 290 -19.32 15.72 -13.27
N GLN C 291 -18.06 15.54 -12.85
CA GLN C 291 -17.64 15.07 -11.55
C GLN C 291 -17.27 16.31 -10.69
N PRO C 292 -18.16 16.74 -9.76
CA PRO C 292 -17.86 17.98 -9.00
C PRO C 292 -16.76 17.86 -7.94
N GLU C 293 -16.35 16.64 -7.54
CA GLU C 293 -15.36 16.45 -6.47
C GLU C 293 -14.06 15.77 -6.95
N LEU C 294 -14.02 15.22 -8.19
CA LEU C 294 -12.87 14.50 -8.74
C LEU C 294 -11.62 15.36 -8.78
N GLN C 295 -10.51 14.87 -8.18
CA GLN C 295 -9.26 15.60 -8.10
C GLN C 295 -8.07 14.84 -8.69
N ILE C 296 -7.98 13.53 -8.45
CA ILE C 296 -6.82 12.73 -8.85
C ILE C 296 -7.17 11.62 -9.85
N LEU C 297 -6.39 11.54 -10.93
CA LEU C 297 -6.52 10.51 -11.95
C LEU C 297 -5.18 9.88 -12.21
N ARG C 298 -5.06 8.58 -11.94
CA ARG C 298 -3.84 7.80 -12.18
C ARG C 298 -4.19 6.81 -13.29
N LEU C 299 -3.66 7.04 -14.51
CA LEU C 299 -4.03 6.21 -15.68
C LEU C 299 -2.80 5.66 -16.41
N ARG C 300 -2.72 4.33 -16.49
CA ARG C 300 -1.62 3.57 -17.10
C ARG C 300 -2.10 2.11 -17.38
N ALA C 301 -1.95 1.53 -18.58
CA ALA C 301 -1.20 2.00 -19.75
C ALA C 301 -1.72 1.48 -21.09
N GLU C 302 -0.89 1.78 -22.09
CA GLU C 302 -0.95 1.50 -23.50
C GLU C 302 -2.12 2.28 -24.15
N LEU C 303 -2.61 3.33 -23.46
CA LEU C 303 -3.63 4.30 -23.90
C LEU C 303 -3.06 5.03 -25.12
N GLN C 304 -3.75 4.96 -26.26
CA GLN C 304 -3.27 5.50 -27.54
C GLN C 304 -3.92 6.82 -27.95
N SER C 305 -5.10 7.11 -27.41
CA SER C 305 -5.86 8.34 -27.70
C SER C 305 -6.86 8.60 -26.60
N LEU C 306 -7.28 9.86 -26.43
CA LEU C 306 -8.25 10.23 -25.41
C LEU C 306 -9.34 11.09 -26.02
N PRO C 307 -10.62 11.00 -25.59
CA PRO C 307 -11.65 11.90 -26.19
C PRO C 307 -11.52 13.31 -25.61
N GLY C 308 -11.90 14.33 -26.38
CA GLY C 308 -11.85 15.73 -25.96
C GLY C 308 -12.78 16.05 -24.81
N ASP C 309 -13.85 15.25 -24.69
CA ASP C 309 -14.90 15.21 -23.69
C ASP C 309 -14.49 14.58 -22.34
N LEU C 310 -13.30 13.96 -22.24
CA LEU C 310 -12.88 13.14 -21.09
C LEU C 310 -13.08 13.79 -19.70
N PHE C 311 -12.75 15.08 -19.52
CA PHE C 311 -12.80 15.75 -18.20
C PHE C 311 -13.76 16.95 -18.17
N GLU C 312 -14.72 16.98 -19.09
CA GLU C 312 -15.70 18.05 -19.28
C GLU C 312 -16.46 18.39 -17.97
N HIS C 313 -16.30 19.65 -17.51
CA HIS C 313 -16.91 20.26 -16.33
C HIS C 313 -16.43 19.68 -14.98
N SER C 314 -15.32 18.93 -15.00
CA SER C 314 -14.71 18.42 -13.78
C SER C 314 -13.61 19.43 -13.43
N THR C 315 -14.04 20.61 -12.97
CA THR C 315 -13.19 21.77 -12.67
C THR C 315 -12.30 21.61 -11.45
N GLN C 316 -12.53 20.58 -10.62
CA GLN C 316 -11.74 20.41 -9.41
C GLN C 316 -10.53 19.49 -9.59
N ILE C 317 -10.25 19.02 -10.82
CA ILE C 317 -9.14 18.10 -11.05
C ILE C 317 -7.82 18.80 -10.68
N THR C 318 -6.99 18.15 -9.84
CA THR C 318 -5.73 18.75 -9.41
C THR C 318 -4.51 17.94 -9.88
N ASN C 319 -4.65 16.61 -10.03
CA ASN C 319 -3.51 15.76 -10.43
C ASN C 319 -3.91 14.75 -11.45
N ILE C 320 -3.19 14.73 -12.58
CA ILE C 320 -3.43 13.80 -13.69
C ILE C 320 -2.12 13.12 -14.05
N SER C 321 -2.05 11.80 -13.79
CA SER C 321 -0.94 10.94 -14.14
C SER C 321 -1.29 10.20 -15.43
N LEU C 322 -0.75 10.68 -16.56
CA LEU C 322 -0.97 10.04 -17.87
C LEU C 322 0.35 9.55 -18.47
N GLY C 323 1.37 9.46 -17.62
CA GLY C 323 2.70 9.00 -18.01
C GLY C 323 2.72 7.53 -18.30
N ASP C 324 3.69 7.09 -19.12
CA ASP C 324 3.92 5.68 -19.48
C ASP C 324 2.77 5.05 -20.27
N ASN C 325 2.12 5.84 -21.13
CA ASN C 325 1.08 5.36 -22.03
C ASN C 325 1.66 5.36 -23.46
N LEU C 326 0.83 5.42 -24.50
CA LEU C 326 1.32 5.48 -25.88
C LEU C 326 0.65 6.62 -26.68
N LEU C 327 0.29 7.73 -26.01
CA LEU C 327 -0.42 8.84 -26.65
C LEU C 327 0.50 9.56 -27.64
N LYS C 328 0.03 9.75 -28.91
CA LYS C 328 0.80 10.43 -29.96
C LYS C 328 0.46 11.92 -29.98
N THR C 329 -0.75 12.28 -29.53
CA THR C 329 -1.24 13.65 -29.39
C THR C 329 -2.40 13.72 -28.39
N LEU C 330 -2.85 14.94 -28.11
CA LEU C 330 -3.96 15.17 -27.20
C LEU C 330 -5.04 16.05 -27.87
N PRO C 331 -6.36 15.86 -27.59
CA PRO C 331 -7.35 16.79 -28.15
C PRO C 331 -7.17 18.18 -27.53
N ALA C 332 -7.36 19.24 -28.32
CA ALA C 332 -7.17 20.64 -27.91
C ALA C 332 -8.05 21.10 -26.75
N THR C 333 -9.24 20.53 -26.61
CA THR C 333 -10.22 20.89 -25.57
C THR C 333 -10.14 19.96 -24.33
N LEU C 334 -9.15 19.05 -24.26
CA LEU C 334 -8.99 18.09 -23.16
C LEU C 334 -8.91 18.74 -21.78
N LEU C 335 -8.18 19.87 -21.65
CA LEU C 335 -7.97 20.53 -20.36
C LEU C 335 -8.62 21.91 -20.28
N GLU C 336 -9.66 22.15 -21.11
CA GLU C 336 -10.45 23.38 -21.23
C GLU C 336 -11.03 23.84 -19.88
N HIS C 337 -11.50 22.91 -19.04
CA HIS C 337 -12.13 23.25 -17.76
C HIS C 337 -11.25 23.00 -16.53
N GLN C 338 -10.02 22.48 -16.70
CA GLN C 338 -9.12 22.15 -15.58
C GLN C 338 -8.33 23.37 -15.06
N VAL C 339 -9.11 24.35 -14.55
CA VAL C 339 -8.67 25.63 -14.01
C VAL C 339 -7.83 25.45 -12.73
N ASN C 340 -8.10 24.36 -11.97
CA ASN C 340 -7.45 24.04 -10.71
C ASN C 340 -6.39 22.93 -10.85
N LEU C 341 -6.00 22.56 -12.08
CA LEU C 341 -4.98 21.52 -12.30
C LEU C 341 -3.65 21.97 -11.73
N LEU C 342 -3.00 21.14 -10.92
CA LEU C 342 -1.71 21.50 -10.30
C LEU C 342 -0.56 20.75 -10.97
N SER C 343 -0.78 19.47 -11.27
CA SER C 343 0.23 18.62 -11.85
C SER C 343 -0.30 17.81 -13.01
N LEU C 344 0.49 17.75 -14.10
CA LEU C 344 0.17 16.97 -15.29
C LEU C 344 1.41 16.20 -15.76
N ASP C 345 1.34 14.85 -15.69
CA ASP C 345 2.42 13.98 -16.12
C ASP C 345 2.06 13.32 -17.45
N LEU C 346 2.85 13.61 -18.50
CA LEU C 346 2.70 13.05 -19.86
C LEU C 346 4.03 12.48 -20.34
N SER C 347 4.94 12.19 -19.41
CA SER C 347 6.26 11.66 -19.71
C SER C 347 6.18 10.22 -20.15
N ASN C 348 7.09 9.79 -21.04
CA ASN C 348 7.18 8.42 -21.59
C ASN C 348 5.87 8.07 -22.29
N ASN C 349 5.53 8.80 -23.37
CA ASN C 349 4.27 8.60 -24.06
C ASN C 349 4.29 8.57 -25.54
N ARG C 350 5.36 8.92 -26.26
CA ARG C 350 5.34 8.94 -27.77
C ARG C 350 4.57 10.16 -28.39
N LEU C 351 4.37 11.25 -27.62
CA LEU C 351 3.70 12.47 -28.12
C LEU C 351 4.54 13.11 -29.21
N THR C 352 3.96 13.34 -30.41
CA THR C 352 4.65 13.91 -31.57
C THR C 352 4.34 15.41 -31.77
N HIS C 353 3.19 15.88 -31.25
CA HIS C 353 2.75 17.26 -31.34
C HIS C 353 1.70 17.57 -30.29
N LEU C 354 1.59 18.84 -29.95
CA LEU C 354 0.63 19.32 -28.97
C LEU C 354 -0.19 20.46 -29.57
N PRO C 355 -1.51 20.57 -29.25
CA PRO C 355 -2.29 21.72 -29.72
C PRO C 355 -1.90 23.01 -28.99
N ASP C 356 -1.92 24.17 -29.68
CA ASP C 356 -1.53 25.47 -29.08
C ASP C 356 -2.50 25.92 -27.97
N SER C 357 -3.76 25.48 -28.01
CA SER C 357 -4.77 25.84 -27.03
C SER C 357 -4.85 24.86 -25.83
N LEU C 358 -3.99 23.83 -25.77
CA LEU C 358 -4.02 22.82 -24.70
C LEU C 358 -3.90 23.43 -23.29
N PHE C 359 -2.98 24.38 -23.10
CA PHE C 359 -2.76 24.95 -21.77
C PHE C 359 -3.35 26.36 -21.65
N ALA C 360 -4.47 26.62 -22.37
CA ALA C 360 -5.11 27.93 -22.40
C ALA C 360 -5.84 28.28 -21.09
N HIS C 361 -6.26 27.26 -20.29
CA HIS C 361 -7.03 27.53 -19.07
C HIS C 361 -6.45 26.94 -17.78
N THR C 362 -5.31 26.25 -17.88
CA THR C 362 -4.64 25.59 -16.76
C THR C 362 -3.64 26.61 -16.15
N THR C 363 -4.22 27.68 -15.56
CA THR C 363 -3.52 28.83 -14.96
C THR C 363 -3.03 28.54 -13.53
N ASN C 364 -3.31 27.35 -13.00
CA ASN C 364 -2.85 26.93 -11.68
C ASN C 364 -1.81 25.77 -11.80
N LEU C 365 -1.49 25.33 -13.04
CA LEU C 365 -0.52 24.27 -13.30
C LEU C 365 0.84 24.69 -12.76
N THR C 366 1.46 23.85 -11.92
CA THR C 366 2.75 24.13 -11.33
C THR C 366 3.81 23.16 -11.85
N ASP C 367 3.42 21.93 -12.15
CA ASP C 367 4.36 20.90 -12.61
C ASP C 367 3.89 20.31 -13.92
N LEU C 368 4.77 20.28 -14.92
CA LEU C 368 4.44 19.75 -16.23
C LEU C 368 5.55 18.86 -16.72
N ARG C 369 5.25 17.57 -16.89
CA ARG C 369 6.22 16.58 -17.33
C ARG C 369 5.92 16.17 -18.75
N LEU C 370 6.78 16.60 -19.70
CA LEU C 370 6.62 16.27 -21.12
C LEU C 370 7.86 15.51 -21.65
N ALA C 371 8.78 15.12 -20.74
CA ALA C 371 10.01 14.40 -21.05
C ALA C 371 9.74 13.03 -21.66
N SER C 372 10.73 12.46 -22.39
CA SER C 372 10.72 11.13 -23.02
C SER C 372 9.51 10.94 -23.95
N ASN C 373 9.47 11.76 -24.99
CA ASN C 373 8.39 11.70 -25.98
C ASN C 373 9.01 11.80 -27.37
N GLN C 374 8.21 12.13 -28.37
CA GLN C 374 8.68 12.21 -29.74
C GLN C 374 8.40 13.60 -30.32
N LEU C 375 8.44 14.66 -29.45
CA LEU C 375 8.20 16.05 -29.83
C LEU C 375 9.41 16.68 -30.50
N LYS C 376 9.19 17.25 -31.68
CA LYS C 376 10.22 17.95 -32.44
C LYS C 376 10.06 19.45 -32.22
N SER C 377 8.84 19.86 -31.86
CA SER C 377 8.44 21.24 -31.64
C SER C 377 7.20 21.33 -30.77
N VAL C 378 6.87 22.57 -30.40
CA VAL C 378 5.69 22.99 -29.66
C VAL C 378 5.18 24.27 -30.37
N PRO C 379 3.85 24.50 -30.51
CA PRO C 379 3.39 25.71 -31.19
C PRO C 379 3.68 27.00 -30.39
N ASP C 380 3.67 28.14 -31.07
CA ASP C 380 3.94 29.45 -30.48
C ASP C 380 2.89 29.85 -29.47
N GLY C 381 3.35 30.24 -28.29
CA GLY C 381 2.55 30.71 -27.17
C GLY C 381 1.85 29.62 -26.39
N ILE C 382 2.26 28.35 -26.57
CA ILE C 382 1.64 27.19 -25.91
C ILE C 382 1.71 27.29 -24.36
N PHE C 383 2.83 27.75 -23.81
CA PHE C 383 3.05 27.83 -22.36
C PHE C 383 2.79 29.24 -21.77
N ASP C 384 2.33 30.20 -22.59
CA ASP C 384 2.16 31.59 -22.16
C ASP C 384 1.13 31.85 -21.05
N ARG C 385 0.09 31.01 -20.91
CA ARG C 385 -0.95 31.22 -19.90
C ARG C 385 -0.65 30.44 -18.61
N LEU C 386 0.46 29.69 -18.56
CA LEU C 386 0.87 28.90 -17.40
C LEU C 386 1.48 29.83 -16.33
N THR C 387 0.65 30.76 -15.79
CA THR C 387 1.08 31.78 -14.82
C THR C 387 1.67 31.19 -13.54
N SER C 388 1.12 30.07 -13.05
CA SER C 388 1.54 29.43 -11.81
C SER C 388 2.68 28.43 -11.99
N LEU C 389 3.18 28.22 -13.23
CA LEU C 389 4.22 27.23 -13.50
C LEU C 389 5.47 27.43 -12.65
N GLN C 390 5.98 26.34 -12.09
CA GLN C 390 7.18 26.32 -11.25
C GLN C 390 8.21 25.37 -11.84
N LYS C 391 7.75 24.20 -12.33
CA LYS C 391 8.64 23.15 -12.81
C LYS C 391 8.17 22.55 -14.12
N ILE C 392 9.10 22.35 -15.06
CA ILE C 392 8.78 21.74 -16.36
C ILE C 392 9.91 20.77 -16.80
N TRP C 393 9.51 19.59 -17.31
CA TRP C 393 10.41 18.55 -17.83
C TRP C 393 10.18 18.43 -19.33
N LEU C 394 11.20 18.75 -20.11
CA LEU C 394 11.14 18.73 -21.57
C LEU C 394 12.23 17.87 -22.19
N HIS C 395 13.14 17.31 -21.37
CA HIS C 395 14.27 16.51 -21.84
C HIS C 395 13.82 15.19 -22.51
N THR C 396 14.76 14.50 -23.20
CA THR C 396 14.59 13.22 -23.90
C THR C 396 13.48 13.34 -24.97
N ASN C 397 13.56 14.42 -25.75
CA ASN C 397 12.68 14.72 -26.89
C ASN C 397 13.56 15.08 -28.09
N PRO C 398 13.22 14.60 -29.31
CA PRO C 398 14.02 14.95 -30.50
C PRO C 398 13.75 16.36 -31.07
N TRP C 399 14.02 17.41 -30.28
CA TRP C 399 13.78 18.81 -30.64
C TRP C 399 14.53 19.20 -31.91
N ASP C 400 13.78 19.82 -32.85
CA ASP C 400 14.27 20.32 -34.13
C ASP C 400 14.72 21.74 -33.88
N CYS C 401 16.03 21.94 -33.83
CA CYS C 401 16.61 23.23 -33.51
C CYS C 401 16.90 24.07 -34.76
N SER C 402 15.88 24.19 -35.61
CA SER C 402 15.90 25.02 -36.81
C SER C 402 15.17 26.31 -36.51
N CYS C 403 15.66 27.41 -37.07
CA CYS C 403 15.06 28.72 -36.88
C CYS C 403 14.23 29.03 -38.14
N PRO C 404 12.96 29.55 -38.01
CA PRO C 404 12.29 30.05 -36.79
C PRO C 404 11.56 29.02 -35.93
N ARG C 405 11.52 27.74 -36.33
CA ARG C 405 10.79 26.67 -35.61
C ARG C 405 11.08 26.62 -34.08
N ILE C 406 12.37 26.67 -33.67
CA ILE C 406 12.80 26.57 -32.27
C ILE C 406 12.89 27.93 -31.57
N ASP C 407 12.53 29.02 -32.25
CA ASP C 407 12.61 30.36 -31.67
C ASP C 407 11.81 30.53 -30.39
N TYR C 408 10.47 30.29 -30.41
CA TYR C 408 9.63 30.47 -29.24
C TYR C 408 10.11 29.63 -28.07
N LEU C 409 10.40 28.33 -28.30
CA LEU C 409 10.85 27.42 -27.26
C LEU C 409 12.20 27.87 -26.66
N SER C 410 13.27 28.06 -27.48
CA SER C 410 14.55 28.48 -26.93
C SER C 410 14.43 29.80 -26.16
N ARG C 411 13.69 30.79 -26.71
CA ARG C 411 13.45 32.07 -26.02
C ARG C 411 12.67 31.86 -24.73
N TRP C 412 11.59 31.03 -24.75
CA TRP C 412 10.77 30.77 -23.56
C TRP C 412 11.61 30.12 -22.45
N LEU C 413 12.45 29.12 -22.81
CA LEU C 413 13.33 28.42 -21.88
C LEU C 413 14.41 29.33 -21.29
N ASN C 414 14.80 30.42 -21.99
CA ASN C 414 15.78 31.35 -21.44
C ASN C 414 15.10 32.27 -20.43
N LYS C 415 13.86 32.66 -20.73
CA LYS C 415 13.01 33.50 -19.90
C LYS C 415 12.53 32.74 -18.66
N ASN C 416 12.54 31.38 -18.70
CA ASN C 416 12.08 30.51 -17.62
C ASN C 416 13.10 29.37 -17.37
N SER C 417 14.41 29.72 -17.35
CA SER C 417 15.58 28.82 -17.16
C SER C 417 15.56 28.05 -15.82
N GLN C 418 15.10 28.71 -14.74
CA GLN C 418 14.99 28.09 -13.41
C GLN C 418 13.95 26.95 -13.40
N LYS C 419 12.81 27.11 -14.11
CA LYS C 419 11.70 26.15 -14.19
C LYS C 419 12.04 24.81 -14.88
N GLU C 420 13.06 24.77 -15.74
CA GLU C 420 13.38 23.54 -16.48
C GLU C 420 14.15 22.49 -15.67
N GLN C 421 13.60 21.26 -15.57
CA GLN C 421 14.26 20.15 -14.86
C GLN C 421 14.93 19.29 -15.90
N GLY C 422 16.24 19.15 -15.76
CA GLY C 422 17.06 18.44 -16.74
C GLY C 422 17.36 19.39 -17.89
N SER C 423 17.86 18.87 -19.00
CA SER C 423 18.22 19.74 -20.12
C SER C 423 17.70 19.23 -21.45
N ALA C 424 16.74 19.97 -22.02
CA ALA C 424 16.18 19.67 -23.34
C ALA C 424 17.29 19.90 -24.35
N LYS C 425 17.56 18.90 -25.17
CA LYS C 425 18.64 18.94 -26.13
C LYS C 425 18.19 18.78 -27.58
N CYS C 426 18.96 19.37 -28.50
CA CYS C 426 18.72 19.32 -29.95
C CYS C 426 19.02 17.91 -30.47
N SER C 427 18.19 17.43 -31.42
CA SER C 427 18.42 16.14 -32.04
C SER C 427 19.65 16.21 -32.96
N GLY C 428 20.49 15.19 -32.87
CA GLY C 428 21.72 15.12 -33.65
C GLY C 428 22.91 15.76 -32.98
N SER C 429 22.91 17.11 -32.90
CA SER C 429 23.98 17.93 -32.31
C SER C 429 24.16 17.70 -30.81
N GLY C 430 23.05 17.54 -30.08
CA GLY C 430 23.09 17.36 -28.63
C GLY C 430 23.28 18.66 -27.85
N LYS C 431 23.24 19.81 -28.55
CA LYS C 431 23.35 21.15 -27.95
C LYS C 431 22.09 21.46 -27.14
N PRO C 432 22.16 22.19 -26.01
CA PRO C 432 20.92 22.48 -25.27
C PRO C 432 20.06 23.46 -26.08
N VAL C 433 18.75 23.18 -26.14
CA VAL C 433 17.77 23.98 -26.85
C VAL C 433 17.85 25.47 -26.43
N ARG C 434 17.93 25.76 -25.13
CA ARG C 434 17.99 27.15 -24.67
C ARG C 434 19.32 27.87 -25.03
N SER C 435 20.29 27.17 -25.65
CA SER C 435 21.54 27.79 -26.09
C SER C 435 21.52 28.13 -27.61
N ILE C 436 20.36 27.93 -28.27
CA ILE C 436 20.17 28.21 -29.69
C ILE C 436 19.56 29.61 -29.79
N ILE C 437 20.19 30.49 -30.59
CA ILE C 437 19.74 31.87 -30.77
C ILE C 437 19.31 32.10 -32.21
N CYS C 438 17.99 32.29 -32.39
CA CYS C 438 17.38 32.61 -33.67
C CYS C 438 17.45 34.13 -33.90
N PRO C 439 17.46 34.63 -35.14
CA PRO C 439 17.54 36.09 -35.33
C PRO C 439 16.24 36.82 -34.95
N THR C 440 16.31 38.18 -34.83
CA THR C 440 15.22 39.12 -34.52
C THR C 440 14.12 38.49 -33.65
#